data_7UM9
#
_entry.id   7UM9
#
_cell.length_a   109.108
_cell.length_b   109.108
_cell.length_c   83.077
_cell.angle_alpha   90.000
_cell.angle_beta   90.000
_cell.angle_gamma   90.000
#
_symmetry.space_group_name_H-M   'P 4 2 2'
#
loop_
_entity.id
_entity.type
_entity.pdbx_description
1 polymer 'Retinal dehydrogenase 1'
2 non-polymer (4-methylfuro[3,2-c]quinolin-2-yl)(piperidin-1-yl)methanone
3 non-polymer 'YTTERBIUM (III) ION'
4 non-polymer NICOTINAMIDE-ADENINE-DINUCLEOTIDE
5 non-polymer 'CHLORIDE ION'
6 water water
#
_entity_poly.entity_id   1
_entity_poly.type   'polypeptide(L)'
_entity_poly.pdbx_seq_one_letter_code
;MSSSGTPDLPVLLTDLKIQYTKIFINNEWHDSVSGKKFPVFNPATEEELCQVEEGDKEDVDKAVKAARQAFQIGSPWRTM
DASERGRLLYKLADLIERDRLLLATMESMNGGKLYSNAYLNDLAGCIKTLRYCAGWADKIQGRTIPIDGNFFTYTRHEPI
GVCGQIIPWNFPLVMLIWKIGPALSCGNTVVVKPAEQTPLTALHVASLIKEAGFPPGVVNIVPGYGPTAGAAISSHMDID
KVAFTGSTEVGKLIKEAAGKSNLKRVTLELGGKSPCIVLADADLDNAVEFAHHGVFYHQGQCCIAASRIFVEESIYDEFV
RRSVERAKKYILGNPLTPGVTQGPQIDKEQYDKILDLIESGKKEGAKLECGGGPWGNKGYFVQPTVFSNVTDEMRIAKEE
IFGPVQQIMKFKSLDDVIKRANNTFYGLSAGVFTKDIDKAITISSALQAGTVWVNCYGVVSAQCPFGGFKMSGNGRELGE
YGFHEYTEVKTVTVKISQKNS
;
_entity_poly.pdbx_strand_id   A
#
# COMPACT_ATOMS: atom_id res chain seq x y z
N ASP A 8 -16.34 13.24 15.30
CA ASP A 8 -15.67 14.54 15.24
C ASP A 8 -14.15 14.35 15.04
N LEU A 9 -13.45 15.48 14.84
CA LEU A 9 -12.07 15.47 14.36
C LEU A 9 -11.16 16.22 15.34
N PRO A 10 -10.64 15.55 16.36
CA PRO A 10 -9.71 16.21 17.29
C PRO A 10 -8.39 16.55 16.61
N VAL A 11 -7.68 17.49 17.20
CA VAL A 11 -6.42 17.95 16.64
CA VAL A 11 -6.43 18.01 16.65
C VAL A 11 -5.36 18.03 17.73
N LEU A 12 -4.11 18.05 17.30
CA LEU A 12 -2.99 18.25 18.21
C LEU A 12 -3.03 19.68 18.75
N LEU A 13 -2.85 19.83 20.05
CA LEU A 13 -2.98 21.15 20.66
C LEU A 13 -1.64 21.86 20.86
N THR A 14 -0.53 21.21 20.55
CA THR A 14 0.78 21.85 20.51
C THR A 14 1.45 21.58 19.17
N ASP A 15 2.42 22.42 18.85
CA ASP A 15 3.22 22.25 17.65
C ASP A 15 3.80 20.84 17.59
N LEU A 16 3.84 20.27 16.38
CA LEU A 16 4.50 19.00 16.19
C LEU A 16 6.01 19.19 16.23
N LYS A 17 6.68 18.43 17.09
CA LYS A 17 8.13 18.46 17.19
C LYS A 17 8.68 17.13 16.71
N ILE A 18 9.60 17.16 15.76
CA ILE A 18 10.18 15.94 15.21
C ILE A 18 11.34 15.52 16.09
N GLN A 19 11.34 14.25 16.50
CA GLN A 19 12.34 13.70 17.41
C GLN A 19 13.14 12.56 16.80
N TYR A 20 12.49 11.66 16.08
CA TYR A 20 13.13 10.41 15.63
C TYR A 20 13.59 10.57 14.18
N THR A 21 14.90 10.69 14.00
CA THR A 21 15.48 10.96 12.68
C THR A 21 16.60 9.97 12.32
N LYS A 22 16.83 8.94 13.12
CA LYS A 22 17.98 8.08 12.91
C LYS A 22 17.56 6.68 12.45
N ILE A 23 18.57 5.89 12.09
CA ILE A 23 18.39 4.51 11.66
C ILE A 23 18.12 3.65 12.89
N PHE A 24 17.13 2.77 12.79
CA PHE A 24 16.67 1.94 13.91
C PHE A 24 17.13 0.51 13.68
N ILE A 25 18.07 0.03 14.50
CA ILE A 25 18.62 -1.32 14.39
C ILE A 25 18.85 -1.86 15.80
N ASN A 26 18.36 -3.07 16.07
CA ASN A 26 18.50 -3.68 17.40
C ASN A 26 17.91 -2.79 18.50
N ASN A 27 16.80 -2.11 18.17
CA ASN A 27 16.09 -1.23 19.10
C ASN A 27 16.95 -0.06 19.60
N GLU A 28 17.96 0.35 18.83
CA GLU A 28 18.78 1.50 19.18
CA GLU A 28 18.76 1.51 19.18
C GLU A 28 18.89 2.41 17.96
N TRP A 29 19.20 3.70 18.21
CA TRP A 29 19.22 4.69 17.15
C TRP A 29 20.64 4.88 16.64
N HIS A 30 20.84 4.70 15.35
CA HIS A 30 22.16 4.72 14.73
C HIS A 30 22.30 5.91 13.80
N ASP A 31 23.49 6.52 13.79
CA ASP A 31 23.82 7.39 12.67
C ASP A 31 24.14 6.53 11.46
N SER A 32 24.09 7.14 10.28
CA SER A 32 24.50 6.44 9.08
C SER A 32 25.99 6.13 9.15
N VAL A 33 26.36 5.00 8.54
CA VAL A 33 27.77 4.62 8.50
C VAL A 33 28.58 5.69 7.80
N SER A 34 28.00 6.30 6.76
CA SER A 34 28.65 7.37 6.02
C SER A 34 28.70 8.68 6.78
N GLY A 35 27.81 8.89 7.74
CA GLY A 35 27.62 10.18 8.35
C GLY A 35 26.67 11.09 7.59
N LYS A 36 26.26 10.70 6.38
CA LYS A 36 25.41 11.54 5.55
C LYS A 36 23.97 11.55 6.06
N LYS A 37 23.32 12.69 5.92
CA LYS A 37 21.90 12.86 6.15
C LYS A 37 21.23 13.36 4.88
N PHE A 38 19.92 13.20 4.81
CA PHE A 38 19.19 13.77 3.69
C PHE A 38 18.01 14.59 4.19
N PRO A 39 17.56 15.56 3.40
CA PRO A 39 16.43 16.39 3.83
C PRO A 39 15.08 15.74 3.57
N VAL A 40 14.10 16.17 4.35
CA VAL A 40 12.73 15.73 4.24
C VAL A 40 11.84 16.97 4.16
N PHE A 41 10.95 17.00 3.19
CA PHE A 41 10.20 18.21 2.87
C PHE A 41 8.71 18.05 3.16
N ASN A 42 8.05 19.19 3.35
CA ASN A 42 6.60 19.29 3.33
C ASN A 42 6.14 19.59 1.91
N PRO A 43 5.36 18.70 1.27
CA PRO A 43 4.94 18.96 -0.12
C PRO A 43 3.96 20.12 -0.29
N ALA A 44 3.29 20.55 0.78
CA ALA A 44 2.36 21.66 0.64
C ALA A 44 3.05 23.02 0.67
N THR A 45 4.26 23.08 1.25
CA THR A 45 5.02 24.33 1.34
C THR A 45 6.34 24.30 0.59
N GLU A 46 6.84 23.12 0.20
CA GLU A 46 8.16 22.92 -0.39
C GLU A 46 9.27 23.29 0.57
N GLU A 47 9.00 23.27 1.87
CA GLU A 47 9.98 23.63 2.88
C GLU A 47 10.51 22.38 3.58
N GLU A 48 11.79 22.42 3.94
CA GLU A 48 12.41 21.31 4.64
C GLU A 48 11.85 21.21 6.06
N LEU A 49 11.53 19.99 6.48
CA LEU A 49 11.03 19.72 7.81
C LEU A 49 12.14 19.36 8.78
N CYS A 50 13.10 18.56 8.33
CA CYS A 50 14.21 18.10 9.15
C CYS A 50 15.16 17.35 8.24
N GLN A 51 16.26 16.88 8.83
CA GLN A 51 17.22 15.97 8.19
C GLN A 51 17.11 14.61 8.85
N VAL A 52 17.39 13.56 8.07
CA VAL A 52 17.29 12.17 8.52
C VAL A 52 18.57 11.45 8.12
N GLU A 53 19.03 10.52 8.96
CA GLU A 53 20.22 9.74 8.62
C GLU A 53 19.96 8.97 7.32
N GLU A 54 20.90 9.07 6.39
CA GLU A 54 20.73 8.41 5.09
C GLU A 54 21.34 7.01 5.14
N GLY A 55 20.48 5.99 5.11
CA GLY A 55 20.97 4.63 5.06
C GLY A 55 21.38 4.22 3.66
N ASP A 56 22.39 3.37 3.61
CA ASP A 56 22.89 2.85 2.35
C ASP A 56 23.22 1.38 2.56
N LYS A 57 23.99 0.78 1.64
CA LYS A 57 24.27 -0.65 1.70
C LYS A 57 24.89 -1.06 3.05
N GLU A 58 25.83 -0.26 3.58
CA GLU A 58 26.46 -0.64 4.83
C GLU A 58 25.47 -0.64 5.98
N ASP A 59 24.49 0.28 5.96
CA ASP A 59 23.46 0.29 7.00
C ASP A 59 22.49 -0.87 6.84
N VAL A 60 22.07 -1.18 5.61
CA VAL A 60 21.26 -2.36 5.37
C VAL A 60 21.98 -3.60 5.86
N ASP A 61 23.29 -3.67 5.62
CA ASP A 61 24.06 -4.84 6.05
C ASP A 61 24.00 -5.02 7.57
N LYS A 62 24.05 -3.91 8.31
CA LYS A 62 23.93 -3.97 9.77
C LYS A 62 22.54 -4.41 10.19
N ALA A 63 21.51 -3.89 9.51
CA ALA A 63 20.14 -4.26 9.84
C ALA A 63 19.87 -5.74 9.54
N VAL A 64 20.37 -6.25 8.41
CA VAL A 64 20.15 -7.66 8.10
C VAL A 64 20.85 -8.55 9.12
N LYS A 65 22.07 -8.20 9.51
CA LYS A 65 22.76 -8.98 10.54
C LYS A 65 21.96 -9.00 11.84
N ALA A 66 21.39 -7.86 12.23
CA ALA A 66 20.53 -7.81 13.42
C ALA A 66 19.26 -8.66 13.24
N ALA A 67 18.59 -8.52 12.10
CA ALA A 67 17.40 -9.32 11.85
C ALA A 67 17.72 -10.80 11.78
N ARG A 68 18.89 -11.15 11.21
CA ARG A 68 19.27 -12.55 11.15
C ARG A 68 19.54 -13.10 12.56
N GLN A 69 20.19 -12.31 13.41
CA GLN A 69 20.45 -12.77 14.77
C GLN A 69 19.16 -12.97 15.54
N ALA A 70 18.21 -12.05 15.39
CA ALA A 70 16.93 -12.16 16.09
C ALA A 70 16.12 -13.36 15.63
N PHE A 71 16.39 -13.88 14.44
CA PHE A 71 15.66 -15.03 13.91
C PHE A 71 16.32 -16.36 14.24
N GLN A 72 17.49 -16.36 14.92
CA GLN A 72 18.20 -17.62 15.15
C GLN A 72 17.38 -18.55 16.04
N ILE A 73 17.44 -19.86 15.73
CA ILE A 73 16.85 -20.86 16.60
C ILE A 73 17.29 -20.61 18.04
N GLY A 74 16.35 -20.68 18.98
CA GLY A 74 16.66 -20.44 20.38
C GLY A 74 16.53 -18.99 20.83
N SER A 75 16.39 -18.05 19.90
CA SER A 75 16.28 -16.64 20.24
C SER A 75 14.93 -16.34 20.90
N PRO A 76 14.83 -15.21 21.60
CA PRO A 76 13.53 -14.83 22.18
C PRO A 76 12.39 -14.79 21.17
N TRP A 77 12.60 -14.24 19.98
CA TRP A 77 11.51 -14.13 19.01
C TRP A 77 11.12 -15.48 18.44
N ARG A 78 12.06 -16.41 18.32
CA ARG A 78 11.71 -17.74 17.83
C ARG A 78 11.03 -18.60 18.89
N THR A 79 11.40 -18.43 20.16
CA THR A 79 10.92 -19.32 21.22
C THR A 79 9.70 -18.80 21.96
N MET A 80 9.37 -17.51 21.85
CA MET A 80 8.22 -17.03 22.61
C MET A 80 6.92 -17.62 22.06
N ASP A 81 5.89 -17.67 22.91
CA ASP A 81 4.61 -18.16 22.45
C ASP A 81 4.13 -17.31 21.28
N ALA A 82 3.54 -17.97 20.29
CA ALA A 82 2.83 -17.25 19.24
C ALA A 82 1.83 -16.27 19.83
N SER A 83 1.13 -16.67 20.90
CA SER A 83 0.16 -15.77 21.51
C SER A 83 0.84 -14.51 22.03
N GLU A 84 2.11 -14.60 22.43
CA GLU A 84 2.86 -13.43 22.88
CA GLU A 84 2.84 -13.41 22.89
C GLU A 84 3.30 -12.54 21.73
N ARG A 85 3.64 -13.14 20.58
CA ARG A 85 3.80 -12.33 19.37
C ARG A 85 2.54 -11.50 19.13
N GLY A 86 1.36 -12.12 19.28
CA GLY A 86 0.12 -11.40 19.09
C GLY A 86 -0.09 -10.32 20.12
N ARG A 87 0.27 -10.61 21.38
CA ARG A 87 0.21 -9.62 22.45
C ARG A 87 1.01 -8.37 22.10
N LEU A 88 2.23 -8.58 21.58
CA LEU A 88 3.09 -7.46 21.25
C LEU A 88 2.48 -6.61 20.14
N LEU A 89 1.87 -7.26 19.15
CA LEU A 89 1.19 -6.54 18.07
C LEU A 89 -0.02 -5.78 18.59
N TYR A 90 -0.79 -6.38 19.51
N TYR A 90 -0.80 -6.41 19.48
CA TYR A 90 -1.92 -5.63 20.07
CA TYR A 90 -1.91 -5.70 20.13
C TYR A 90 -1.44 -4.46 20.93
C TYR A 90 -1.41 -4.47 20.88
N LYS A 91 -0.30 -4.61 21.61
CA LYS A 91 0.24 -3.50 22.37
C LYS A 91 0.72 -2.37 21.45
N LEU A 92 1.38 -2.73 20.36
CA LEU A 92 1.78 -1.74 19.36
C LEU A 92 0.58 -0.98 18.84
N ALA A 93 -0.51 -1.69 18.52
CA ALA A 93 -1.73 -1.01 18.08
C ALA A 93 -2.25 -0.06 19.15
N ASP A 94 -2.23 -0.47 20.42
CA ASP A 94 -2.60 0.43 21.51
C ASP A 94 -1.74 1.68 21.54
N LEU A 95 -0.43 1.53 21.28
CA LEU A 95 0.47 2.67 21.36
C LEU A 95 0.26 3.62 20.18
N ILE A 96 0.00 3.08 19.00
CA ILE A 96 -0.30 3.94 17.86
C ILE A 96 -1.61 4.67 18.09
N GLU A 97 -2.59 3.99 18.69
CA GLU A 97 -3.83 4.66 19.06
C GLU A 97 -3.55 5.79 20.06
N ARG A 98 -2.63 5.56 21.01
CA ARG A 98 -2.29 6.62 21.97
C ARG A 98 -1.70 7.84 21.28
N ASP A 99 -0.84 7.61 20.28
CA ASP A 99 -0.16 8.68 19.55
C ASP A 99 -0.85 9.00 18.23
N ARG A 100 -2.16 8.76 18.16
CA ARG A 100 -2.91 8.95 16.92
C ARG A 100 -2.87 10.40 16.45
N LEU A 101 -3.04 11.36 17.37
CA LEU A 101 -3.00 12.77 16.99
C LEU A 101 -1.64 13.14 16.43
N LEU A 102 -0.57 12.83 17.18
CA LEU A 102 0.80 13.02 16.73
C LEU A 102 1.04 12.37 15.36
N LEU A 103 0.66 11.09 15.23
CA LEU A 103 1.00 10.36 14.02
C LEU A 103 0.22 10.88 12.82
N ALA A 104 -1.06 11.20 13.01
CA ALA A 104 -1.86 11.73 11.91
C ALA A 104 -1.34 13.08 11.46
N THR A 105 -0.88 13.90 12.41
CA THR A 105 -0.35 15.22 12.07
C THR A 105 0.94 15.09 11.27
N MET A 106 1.85 14.25 11.76
CA MET A 106 3.11 14.03 11.08
C MET A 106 2.88 13.45 9.69
N GLU A 107 1.96 12.48 9.58
CA GLU A 107 1.64 11.89 8.28
C GLU A 107 1.13 12.96 7.30
N SER A 108 0.23 13.82 7.77
CA SER A 108 -0.30 14.90 6.94
C SER A 108 0.81 15.86 6.51
N MET A 109 1.60 16.34 7.49
CA MET A 109 2.64 17.31 7.21
C MET A 109 3.71 16.77 6.26
N ASN A 110 4.18 15.54 6.49
CA ASN A 110 5.24 14.96 5.66
C ASN A 110 4.70 14.44 4.33
N GLY A 111 3.50 13.86 4.32
CA GLY A 111 2.97 13.19 3.15
C GLY A 111 2.03 14.00 2.29
N GLY A 112 1.70 15.23 2.69
CA GLY A 112 0.74 16.03 1.92
C GLY A 112 -0.65 15.44 1.93
N LYS A 113 -1.01 14.78 3.02
CA LYS A 113 -2.23 14.00 3.13
C LYS A 113 -3.23 14.77 3.99
N LEU A 114 -4.45 14.93 3.48
CA LEU A 114 -5.51 15.60 4.24
C LEU A 114 -5.54 15.06 5.66
N TYR A 115 -5.52 15.97 6.63
CA TYR A 115 -5.48 15.54 8.02
C TYR A 115 -6.73 14.77 8.40
N SER A 116 -7.88 15.17 7.87
CA SER A 116 -9.12 14.47 8.14
C SER A 116 -9.01 12.99 7.76
N ASN A 117 -8.49 12.72 6.56
CA ASN A 117 -8.29 11.34 6.15
CA ASN A 117 -8.29 11.34 6.14
C ASN A 117 -7.18 10.68 6.95
N ALA A 118 -6.09 11.39 7.20
CA ALA A 118 -4.98 10.80 7.95
C ALA A 118 -5.44 10.35 9.33
N TYR A 119 -6.23 11.18 10.01
CA TYR A 119 -6.67 10.82 11.35
C TYR A 119 -7.76 9.76 11.32
N LEU A 120 -8.79 9.95 10.48
CA LEU A 120 -9.98 9.11 10.50
C LEU A 120 -9.81 7.82 9.71
N ASN A 121 -8.97 7.82 8.67
CA ASN A 121 -8.83 6.65 7.80
C ASN A 121 -7.49 5.97 7.96
N ASP A 122 -6.38 6.65 7.62
CA ASP A 122 -5.08 5.97 7.68
C ASP A 122 -4.81 5.45 9.08
N LEU A 123 -5.00 6.28 10.10
CA LEU A 123 -4.65 5.85 11.45
C LEU A 123 -5.58 4.75 11.94
N ALA A 124 -6.87 4.83 11.60
CA ALA A 124 -7.79 3.76 11.96
C ALA A 124 -7.45 2.46 11.22
N GLY A 125 -7.08 2.56 9.94
CA GLY A 125 -6.66 1.37 9.22
C GLY A 125 -5.40 0.75 9.81
N CYS A 126 -4.45 1.60 10.19
N CYS A 126 -4.45 1.59 10.22
CA CYS A 126 -3.26 1.19 10.93
CA CYS A 126 -3.26 1.09 10.91
C CYS A 126 -3.63 0.37 12.16
C CYS A 126 -3.64 0.32 12.17
N ILE A 127 -4.50 0.92 13.00
CA ILE A 127 -4.85 0.31 14.27
C ILE A 127 -5.62 -0.99 14.04
N LYS A 128 -6.64 -0.95 13.17
CA LYS A 128 -7.44 -2.14 12.88
C LYS A 128 -6.61 -3.25 12.23
N THR A 129 -5.71 -2.89 11.32
CA THR A 129 -4.95 -3.94 10.63
C THR A 129 -4.00 -4.63 11.60
N LEU A 130 -3.35 -3.85 12.47
CA LEU A 130 -2.50 -4.45 13.49
C LEU A 130 -3.30 -5.37 14.40
N ARG A 131 -4.48 -4.93 14.83
CA ARG A 131 -5.26 -5.79 15.72
C ARG A 131 -5.72 -7.06 15.01
N TYR A 132 -6.10 -6.95 13.73
CA TYR A 132 -6.40 -8.13 12.93
C TYR A 132 -5.19 -9.07 12.87
N CYS A 133 -4.01 -8.53 12.54
CA CYS A 133 -2.80 -9.35 12.45
C CYS A 133 -2.44 -10.00 13.78
N ALA A 134 -2.61 -9.27 14.89
CA ALA A 134 -2.32 -9.83 16.20
C ALA A 134 -3.17 -11.08 16.48
N GLY A 135 -4.42 -11.07 16.01
CA GLY A 135 -5.29 -12.19 16.25
C GLY A 135 -4.90 -13.47 15.52
N TRP A 136 -4.19 -13.34 14.39
CA TRP A 136 -3.77 -14.53 13.64
C TRP A 136 -2.55 -15.23 14.22
N ALA A 137 -1.78 -14.55 15.08
CA ALA A 137 -0.45 -15.05 15.44
C ALA A 137 -0.46 -16.48 15.95
N ASP A 138 -1.38 -16.81 16.85
CA ASP A 138 -1.43 -18.17 17.40
C ASP A 138 -2.50 -19.01 16.73
N LYS A 139 -2.92 -18.61 15.53
CA LYS A 139 -3.87 -19.37 14.72
C LYS A 139 -3.26 -19.75 13.38
N ILE A 140 -1.97 -19.53 13.20
CA ILE A 140 -1.22 -20.02 12.05
C ILE A 140 -0.88 -21.47 12.33
N GLN A 141 -1.44 -22.38 11.53
CA GLN A 141 -1.35 -23.81 11.81
C GLN A 141 -0.93 -24.57 10.56
N GLY A 142 -0.17 -25.65 10.76
CA GLY A 142 0.13 -26.62 9.72
C GLY A 142 -0.90 -27.72 9.67
N ARG A 143 -0.49 -28.88 9.15
CA ARG A 143 -1.42 -29.98 8.93
C ARG A 143 -0.82 -31.28 9.45
N THR A 144 -1.69 -32.24 9.74
CA THR A 144 -1.28 -33.64 9.78
C THR A 144 -1.91 -34.32 8.59
N ILE A 145 -1.12 -35.15 7.91
CA ILE A 145 -1.44 -35.57 6.55
C ILE A 145 -1.46 -37.09 6.46
N PRO A 146 -2.53 -37.70 5.93
CA PRO A 146 -2.62 -39.17 5.82
C PRO A 146 -1.85 -39.70 4.61
N ILE A 147 -0.52 -39.55 4.68
CA ILE A 147 0.37 -39.97 3.61
C ILE A 147 0.25 -41.47 3.34
N ASP A 148 0.52 -41.89 2.10
CA ASP A 148 0.68 -43.32 1.83
C ASP A 148 1.84 -43.88 2.67
N GLY A 149 1.72 -45.16 3.07
CA GLY A 149 2.78 -45.85 3.77
C GLY A 149 2.74 -45.67 5.28
N ASN A 150 3.60 -46.42 5.97
CA ASN A 150 3.60 -46.41 7.44
C ASN A 150 4.48 -45.26 7.93
N PHE A 151 3.93 -44.05 7.86
CA PHE A 151 4.61 -42.82 8.25
C PHE A 151 3.64 -41.91 8.98
N PHE A 152 4.19 -41.08 9.85
CA PHE A 152 3.50 -39.93 10.45
C PHE A 152 4.06 -38.67 9.79
N THR A 153 3.18 -37.91 9.10
CA THR A 153 3.59 -36.73 8.38
C THR A 153 2.82 -35.51 8.91
N TYR A 154 3.56 -34.46 9.23
CA TYR A 154 2.96 -33.20 9.63
C TYR A 154 3.70 -32.08 8.94
N THR A 155 3.10 -30.89 8.90
CA THR A 155 3.76 -29.74 8.33
C THR A 155 3.86 -28.64 9.39
N ARG A 156 4.96 -27.89 9.34
CA ARG A 156 5.12 -26.67 10.09
C ARG A 156 5.02 -25.49 9.13
N HIS A 157 4.14 -24.54 9.44
CA HIS A 157 4.13 -23.27 8.71
C HIS A 157 5.03 -22.32 9.48
N GLU A 158 6.32 -22.43 9.20
CA GLU A 158 7.35 -21.63 9.86
C GLU A 158 7.39 -20.22 9.30
N PRO A 159 7.92 -19.25 10.05
CA PRO A 159 8.30 -17.98 9.42
C PRO A 159 9.38 -18.23 8.37
N ILE A 160 9.41 -17.36 7.37
CA ILE A 160 10.44 -17.45 6.33
C ILE A 160 11.81 -17.08 6.89
N GLY A 161 11.89 -15.93 7.52
CA GLY A 161 13.15 -15.46 8.08
C GLY A 161 13.24 -13.95 7.99
N VAL A 162 14.33 -13.44 7.43
CA VAL A 162 14.53 -12.00 7.32
C VAL A 162 13.81 -11.49 6.08
N CYS A 163 12.85 -10.59 6.26
CA CYS A 163 12.03 -10.04 5.20
C CYS A 163 12.38 -8.56 4.98
N GLY A 164 12.86 -8.23 3.77
CA GLY A 164 13.09 -6.85 3.40
C GLY A 164 11.83 -6.27 2.81
N GLN A 165 11.43 -5.09 3.30
CA GLN A 165 10.14 -4.51 2.96
C GLN A 165 10.31 -3.06 2.54
N ILE A 166 10.05 -2.79 1.26
CA ILE A 166 10.26 -1.48 0.66
C ILE A 166 8.89 -0.83 0.48
N ILE A 167 8.73 0.38 1.03
N ILE A 167 8.73 0.38 1.04
CA ILE A 167 7.45 1.04 1.26
CA ILE A 167 7.45 1.05 1.25
C ILE A 167 7.36 2.29 0.38
C ILE A 167 7.36 2.27 0.34
N PRO A 168 6.18 2.61 -0.20
CA PRO A 168 6.05 3.87 -0.96
C PRO A 168 5.66 5.06 -0.07
N TRP A 169 5.49 6.23 -0.69
CA TRP A 169 5.23 7.51 -0.01
C TRP A 169 3.75 7.88 0.06
N ASN A 170 2.86 7.15 -0.62
CA ASN A 170 1.48 7.60 -0.71
C ASN A 170 0.66 7.19 0.52
N PHE A 171 0.97 6.06 1.13
CA PHE A 171 0.35 5.64 2.39
C PHE A 171 1.47 5.12 3.28
N PRO A 172 2.28 6.02 3.85
CA PRO A 172 3.47 5.56 4.58
C PRO A 172 3.14 4.69 5.79
N LEU A 173 2.20 5.12 6.61
CA LEU A 173 1.86 4.36 7.82
C LEU A 173 1.11 3.09 7.47
N VAL A 174 0.06 3.22 6.66
CA VAL A 174 -0.77 2.06 6.34
C VAL A 174 0.07 0.97 5.69
N MET A 175 0.95 1.34 4.76
CA MET A 175 1.78 0.34 4.10
C MET A 175 2.82 -0.23 5.05
N LEU A 176 3.32 0.58 6.00
CA LEU A 176 4.22 0.05 7.02
C LEU A 176 3.55 -1.06 7.82
N ILE A 177 2.29 -0.83 8.21
CA ILE A 177 1.58 -1.82 9.02
C ILE A 177 1.15 -3.00 8.17
N TRP A 178 0.71 -2.75 6.92
CA TRP A 178 0.40 -3.87 6.03
C TRP A 178 1.59 -4.81 5.86
N LYS A 179 2.80 -4.27 5.89
CA LYS A 179 3.98 -5.12 5.75
C LYS A 179 4.38 -5.77 7.08
N ILE A 180 4.56 -4.98 8.15
CA ILE A 180 5.12 -5.57 9.36
C ILE A 180 4.08 -6.38 10.14
N GLY A 181 2.79 -6.04 10.02
CA GLY A 181 1.75 -6.75 10.73
C GLY A 181 1.74 -8.26 10.46
N PRO A 182 1.51 -8.64 9.20
CA PRO A 182 1.57 -10.08 8.85
C PRO A 182 2.94 -10.70 9.04
N ALA A 183 4.01 -10.00 8.66
CA ALA A 183 5.34 -10.59 8.79
C ALA A 183 5.64 -10.94 10.24
N LEU A 184 5.36 -10.01 11.15
CA LEU A 184 5.65 -10.21 12.56
C LEU A 184 4.71 -11.25 13.17
N SER A 185 3.44 -11.20 12.78
CA SER A 185 2.47 -12.18 13.28
C SER A 185 2.92 -13.60 12.98
N CYS A 186 3.44 -13.84 11.77
CA CYS A 186 3.97 -15.13 11.38
C CYS A 186 5.31 -15.47 12.02
N GLY A 187 6.00 -14.52 12.64
CA GLY A 187 7.24 -14.83 13.32
C GLY A 187 8.50 -14.42 12.59
N ASN A 188 8.38 -13.71 11.46
CA ASN A 188 9.54 -13.21 10.73
C ASN A 188 10.19 -12.04 11.47
N THR A 189 11.38 -11.67 11.02
CA THR A 189 12.03 -10.40 11.35
C THR A 189 12.13 -9.59 10.07
N VAL A 190 12.18 -8.26 10.21
CA VAL A 190 11.99 -7.37 9.06
C VAL A 190 13.05 -6.27 9.02
N VAL A 191 13.41 -5.90 7.79
CA VAL A 191 14.26 -4.75 7.49
C VAL A 191 13.43 -3.88 6.55
N VAL A 192 12.93 -2.74 7.06
CA VAL A 192 11.98 -1.87 6.37
C VAL A 192 12.72 -0.67 5.78
N LYS A 193 12.40 -0.33 4.54
CA LYS A 193 13.01 0.82 3.87
C LYS A 193 11.87 1.75 3.46
N PRO A 194 11.51 2.71 4.30
CA PRO A 194 10.42 3.63 3.94
C PRO A 194 10.85 4.53 2.78
N ALA A 195 9.85 5.13 2.15
CA ALA A 195 10.11 6.06 1.04
C ALA A 195 11.01 7.19 1.50
N GLU A 196 11.94 7.59 0.64
CA GLU A 196 12.80 8.72 0.97
C GLU A 196 11.99 9.97 1.26
N GLN A 197 10.83 10.13 0.60
CA GLN A 197 9.99 11.29 0.86
C GLN A 197 9.39 11.28 2.26
N THR A 198 9.10 10.10 2.80
CA THR A 198 8.25 9.96 3.99
C THR A 198 8.80 8.95 4.97
N PRO A 199 9.97 9.22 5.56
CA PRO A 199 10.49 8.32 6.59
C PRO A 199 9.95 8.59 7.99
N LEU A 200 9.30 9.73 8.24
CA LEU A 200 9.17 10.23 9.61
C LEU A 200 8.21 9.41 10.45
N THR A 201 7.02 9.07 9.91
CA THR A 201 6.08 8.32 10.74
C THR A 201 6.59 6.91 11.03
N ALA A 202 7.34 6.32 10.09
CA ALA A 202 7.88 4.98 10.32
C ALA A 202 8.86 5.00 11.50
N LEU A 203 9.70 6.04 11.57
CA LEU A 203 10.65 6.15 12.67
C LEU A 203 9.93 6.40 14.00
N HIS A 204 8.81 7.12 13.98
CA HIS A 204 8.06 7.24 15.23
C HIS A 204 7.49 5.89 15.65
N VAL A 205 6.97 5.11 14.68
CA VAL A 205 6.49 3.78 15.00
C VAL A 205 7.62 2.91 15.55
N ALA A 206 8.84 3.08 15.03
CA ALA A 206 9.95 2.31 15.58
C ALA A 206 10.15 2.59 17.06
N SER A 207 9.95 3.84 17.49
CA SER A 207 10.04 4.17 18.91
C SER A 207 8.98 3.42 19.72
N LEU A 208 7.82 3.18 19.12
CA LEU A 208 6.75 2.44 19.79
C LEU A 208 7.01 0.94 19.78
N ILE A 209 7.70 0.44 18.75
CA ILE A 209 8.10 -0.97 18.75
C ILE A 209 9.04 -1.25 19.91
N LYS A 210 10.00 -0.36 20.15
CA LYS A 210 10.83 -0.45 21.34
C LYS A 210 9.98 -0.41 22.61
N GLU A 211 9.09 0.58 22.72
CA GLU A 211 8.28 0.75 23.94
C GLU A 211 7.41 -0.47 24.20
N ALA A 212 6.88 -1.10 23.15
CA ALA A 212 6.01 -2.25 23.34
C ALA A 212 6.77 -3.46 23.86
N GLY A 213 8.09 -3.52 23.62
CA GLY A 213 8.90 -4.61 24.13
C GLY A 213 9.31 -5.65 23.11
N PHE A 214 9.17 -5.40 21.81
CA PHE A 214 9.62 -6.36 20.82
C PHE A 214 11.11 -6.65 21.05
N PRO A 215 11.55 -7.90 20.93
CA PRO A 215 12.97 -8.18 21.10
C PRO A 215 13.79 -7.40 20.11
N PRO A 216 15.02 -7.01 20.46
CA PRO A 216 15.83 -6.23 19.52
C PRO A 216 16.12 -7.00 18.24
N GLY A 217 16.09 -6.27 17.12
CA GLY A 217 16.38 -6.84 15.83
C GLY A 217 15.19 -7.46 15.14
N VAL A 218 14.05 -7.58 15.82
CA VAL A 218 12.83 -8.07 15.17
C VAL A 218 12.35 -7.08 14.11
N VAL A 219 12.41 -5.78 14.39
CA VAL A 219 12.06 -4.75 13.42
C VAL A 219 13.21 -3.75 13.33
N ASN A 220 13.75 -3.59 12.13
CA ASN A 220 14.78 -2.62 11.84
C ASN A 220 14.28 -1.72 10.72
N ILE A 221 14.55 -0.42 10.82
CA ILE A 221 14.07 0.54 9.83
C ILE A 221 15.26 1.35 9.34
N VAL A 222 15.49 1.31 8.03
CA VAL A 222 16.63 1.99 7.42
C VAL A 222 16.10 3.01 6.44
N PRO A 223 15.94 4.27 6.85
CA PRO A 223 15.55 5.32 5.89
C PRO A 223 16.66 5.53 4.90
N GLY A 224 16.28 6.03 3.72
CA GLY A 224 17.24 6.24 2.65
C GLY A 224 16.57 6.09 1.30
N TYR A 225 17.41 6.06 0.26
CA TYR A 225 16.97 6.16 -1.13
C TYR A 225 16.83 4.79 -1.78
N GLY A 226 16.18 4.77 -2.95
CA GLY A 226 15.82 3.55 -3.62
C GLY A 226 16.98 2.83 -4.28
N PRO A 227 17.67 3.49 -5.21
CA PRO A 227 18.82 2.85 -5.86
C PRO A 227 19.96 2.52 -4.92
N THR A 228 19.90 2.97 -3.67
CA THR A 228 20.98 2.75 -2.71
C THR A 228 20.55 1.72 -1.66
N ALA A 229 19.72 2.16 -0.71
CA ALA A 229 19.26 1.24 0.34
C ALA A 229 18.28 0.21 -0.22
N GLY A 230 17.35 0.63 -1.07
CA GLY A 230 16.41 -0.33 -1.63
C GLY A 230 17.10 -1.40 -2.46
N ALA A 231 18.04 -1.01 -3.31
CA ALA A 231 18.74 -2.00 -4.13
C ALA A 231 19.61 -2.91 -3.27
N ALA A 232 20.12 -2.38 -2.15
CA ALA A 232 20.87 -3.22 -1.22
C ALA A 232 19.98 -4.33 -0.66
N ILE A 233 18.70 -4.02 -0.44
CA ILE A 233 17.78 -5.04 0.07
C ILE A 233 17.49 -6.08 -0.99
N SER A 234 17.13 -5.63 -2.19
CA SER A 234 16.71 -6.55 -3.23
C SER A 234 17.82 -7.52 -3.61
N SER A 235 19.07 -7.08 -3.54
CA SER A 235 20.18 -7.93 -3.96
C SER A 235 20.91 -8.58 -2.78
N HIS A 236 20.40 -8.45 -1.57
CA HIS A 236 21.14 -8.95 -0.41
C HIS A 236 21.13 -10.47 -0.34
N MET A 237 22.30 -11.06 -0.06
CA MET A 237 22.44 -12.52 -0.06
C MET A 237 21.87 -13.20 1.18
N ASP A 238 21.44 -12.45 2.21
CA ASP A 238 20.89 -13.09 3.39
C ASP A 238 19.52 -12.56 3.76
N ILE A 239 18.82 -11.92 2.83
CA ILE A 239 17.41 -11.59 2.99
C ILE A 239 16.60 -12.67 2.26
N ASP A 240 15.67 -13.30 2.98
CA ASP A 240 14.94 -14.45 2.47
C ASP A 240 13.77 -14.07 1.58
N LYS A 241 13.23 -12.88 1.77
CA LYS A 241 12.04 -12.44 1.07
C LYS A 241 12.05 -10.91 1.01
N VAL A 242 11.65 -10.37 -0.13
CA VAL A 242 11.45 -8.94 -0.29
C VAL A 242 10.00 -8.71 -0.69
N ALA A 243 9.33 -7.76 -0.02
CA ALA A 243 8.00 -7.31 -0.39
C ALA A 243 8.06 -5.84 -0.76
N PHE A 244 7.30 -5.46 -1.79
CA PHE A 244 7.44 -4.12 -2.36
C PHE A 244 6.08 -3.61 -2.82
N THR A 245 5.85 -2.32 -2.62
CA THR A 245 4.73 -1.60 -3.22
C THR A 245 5.26 -0.30 -3.82
N GLY A 246 4.93 -0.07 -5.08
CA GLY A 246 5.45 1.10 -5.81
C GLY A 246 5.31 0.90 -7.30
N SER A 247 6.31 1.40 -8.04
CA SER A 247 6.18 1.49 -9.48
C SER A 247 6.41 0.13 -10.13
N THR A 248 5.83 -0.03 -11.34
CA THR A 248 6.11 -1.22 -12.15
C THR A 248 7.59 -1.34 -12.45
N GLU A 249 8.24 -0.23 -12.77
CA GLU A 249 9.64 -0.24 -13.17
C GLU A 249 10.55 -0.75 -12.06
N VAL A 250 10.37 -0.26 -10.84
CA VAL A 250 11.18 -0.75 -9.73
C VAL A 250 10.83 -2.20 -9.42
N GLY A 251 9.55 -2.55 -9.49
CA GLY A 251 9.16 -3.93 -9.30
C GLY A 251 9.96 -4.87 -10.17
N LYS A 252 10.09 -4.53 -11.46
CA LYS A 252 10.91 -5.35 -12.35
C LYS A 252 12.38 -5.34 -11.90
N LEU A 253 12.86 -4.20 -11.42
CA LEU A 253 14.24 -4.13 -10.93
C LEU A 253 14.45 -5.04 -9.74
N ILE A 254 13.47 -5.08 -8.84
CA ILE A 254 13.62 -5.89 -7.63
C ILE A 254 13.63 -7.38 -8.01
N LYS A 255 12.68 -7.82 -8.82
CA LYS A 255 12.62 -9.23 -9.18
C LYS A 255 13.89 -9.66 -9.92
N GLU A 256 14.45 -8.77 -10.73
CA GLU A 256 15.67 -9.12 -11.43
C GLU A 256 16.84 -9.24 -10.46
N ALA A 257 17.00 -8.27 -9.57
CA ALA A 257 18.07 -8.34 -8.57
C ALA A 257 17.89 -9.54 -7.65
N ALA A 258 16.64 -9.88 -7.34
CA ALA A 258 16.38 -11.06 -6.53
C ALA A 258 16.80 -12.32 -7.27
N GLY A 259 16.49 -12.40 -8.56
CA GLY A 259 16.89 -13.56 -9.34
C GLY A 259 18.40 -13.69 -9.45
N LYS A 260 19.10 -12.56 -9.56
CA LYS A 260 20.55 -12.58 -9.74
C LYS A 260 21.29 -12.90 -8.43
N SER A 261 20.71 -12.58 -7.28
CA SER A 261 21.44 -12.74 -6.03
C SER A 261 21.17 -14.11 -5.43
N ASN A 262 20.09 -14.24 -4.65
CA ASN A 262 19.90 -15.47 -3.88
C ASN A 262 18.52 -16.08 -4.07
N LEU A 263 17.82 -15.70 -5.15
CA LEU A 263 16.51 -16.25 -5.46
C LEU A 263 15.52 -16.07 -4.30
N LYS A 264 15.67 -14.96 -3.57
CA LYS A 264 14.74 -14.65 -2.50
C LYS A 264 13.30 -14.58 -3.01
N ARG A 265 12.35 -14.94 -2.15
CA ARG A 265 10.93 -14.81 -2.50
C ARG A 265 10.59 -13.34 -2.70
N VAL A 266 9.75 -13.05 -3.70
CA VAL A 266 9.37 -11.67 -3.99
C VAL A 266 7.85 -11.59 -4.11
N THR A 267 7.26 -10.62 -3.44
CA THR A 267 5.88 -10.21 -3.72
C THR A 267 5.86 -8.73 -4.05
N LEU A 268 5.01 -8.35 -5.01
CA LEU A 268 4.95 -7.00 -5.52
C LEU A 268 3.51 -6.54 -5.60
N GLU A 269 3.28 -5.25 -5.31
CA GLU A 269 2.03 -4.57 -5.66
C GLU A 269 2.40 -3.30 -6.40
N LEU A 270 1.89 -3.13 -7.63
CA LEU A 270 2.50 -2.20 -8.58
C LEU A 270 1.51 -1.23 -9.21
N GLY A 271 0.43 -0.90 -8.50
CA GLY A 271 -0.51 0.06 -9.06
C GLY A 271 -1.34 -0.55 -10.18
N GLY A 272 -2.08 0.31 -10.87
CA GLY A 272 -2.98 -0.23 -11.86
C GLY A 272 -3.55 0.84 -12.77
N LYS A 273 -4.55 0.42 -13.53
CA LYS A 273 -5.36 1.30 -14.38
C LYS A 273 -6.78 0.77 -14.25
N SER A 274 -7.32 0.89 -13.04
CA SER A 274 -8.50 0.10 -12.67
C SER A 274 -9.77 0.64 -13.32
N PRO A 275 -10.59 -0.24 -13.92
CA PRO A 275 -11.78 0.21 -14.63
C PRO A 275 -13.06 0.06 -13.82
N CYS A 276 -14.04 0.94 -14.10
CA CYS A 276 -15.40 0.82 -13.60
C CYS A 276 -16.34 0.63 -14.78
N ILE A 277 -17.30 -0.28 -14.64
CA ILE A 277 -18.32 -0.50 -15.67
C ILE A 277 -19.65 -0.12 -15.05
N VAL A 278 -20.32 0.87 -15.64
CA VAL A 278 -21.56 1.41 -15.10
C VAL A 278 -22.67 1.08 -16.08
N LEU A 279 -23.52 0.11 -15.73
CA LEU A 279 -24.60 -0.29 -16.62
C LEU A 279 -25.78 0.68 -16.50
N ALA A 280 -26.63 0.67 -17.55
CA ALA A 280 -27.72 1.64 -17.62
C ALA A 280 -28.66 1.54 -16.43
N ASP A 281 -28.77 0.37 -15.81
CA ASP A 281 -29.67 0.18 -14.69
C ASP A 281 -29.05 0.52 -13.35
N ALA A 282 -27.82 1.03 -13.33
CA ALA A 282 -27.15 1.32 -12.07
C ALA A 282 -27.85 2.45 -11.34
N ASP A 283 -27.80 2.39 -10.01
CA ASP A 283 -28.09 3.56 -9.20
C ASP A 283 -27.10 4.65 -9.59
N LEU A 284 -27.57 5.67 -10.32
CA LEU A 284 -26.66 6.58 -11.01
C LEU A 284 -25.89 7.45 -10.01
N ASP A 285 -26.61 8.07 -9.06
CA ASP A 285 -25.96 8.91 -8.07
C ASP A 285 -24.95 8.11 -7.25
N ASN A 286 -25.29 6.87 -6.89
CA ASN A 286 -24.35 6.03 -6.15
C ASN A 286 -23.11 5.75 -6.99
N ALA A 287 -23.28 5.44 -8.27
CA ALA A 287 -22.13 5.15 -9.12
C ALA A 287 -21.26 6.38 -9.32
N VAL A 288 -21.87 7.56 -9.50
CA VAL A 288 -21.07 8.77 -9.71
C VAL A 288 -20.23 9.07 -8.48
N GLU A 289 -20.81 8.92 -7.29
CA GLU A 289 -20.10 9.29 -6.07
C GLU A 289 -18.94 8.34 -5.80
N PHE A 290 -19.16 7.03 -5.97
CA PHE A 290 -18.11 6.06 -5.70
C PHE A 290 -16.98 6.14 -6.73
N ALA A 291 -17.33 6.35 -8.00
CA ALA A 291 -16.29 6.49 -9.02
C ALA A 291 -15.49 7.78 -8.82
N HIS A 292 -16.16 8.86 -8.41
CA HIS A 292 -15.47 10.10 -8.12
C HIS A 292 -14.43 9.93 -7.01
N HIS A 293 -14.85 9.42 -5.85
CA HIS A 293 -13.90 9.18 -4.78
C HIS A 293 -12.87 8.14 -5.18
N GLY A 294 -13.27 7.16 -5.98
CA GLY A 294 -12.34 6.14 -6.44
C GLY A 294 -11.17 6.69 -7.23
N VAL A 295 -11.36 7.80 -7.94
CA VAL A 295 -10.28 8.32 -8.76
C VAL A 295 -9.55 9.45 -8.04
N PHE A 296 -10.26 10.22 -7.20
CA PHE A 296 -9.69 11.41 -6.59
C PHE A 296 -9.14 11.19 -5.19
N TYR A 297 -9.35 10.03 -4.57
CA TYR A 297 -8.88 9.83 -3.20
C TYR A 297 -7.38 10.08 -3.10
N HIS A 298 -6.99 10.78 -2.04
CA HIS A 298 -5.60 11.17 -1.77
C HIS A 298 -4.94 11.77 -3.02
N GLN A 299 -5.62 12.75 -3.62
CA GLN A 299 -5.10 13.45 -4.79
C GLN A 299 -4.76 12.49 -5.94
N GLY A 300 -5.51 11.39 -6.05
CA GLY A 300 -5.27 10.41 -7.08
C GLY A 300 -4.08 9.52 -6.86
N GLN A 301 -3.42 9.60 -5.72
CA GLN A 301 -2.19 8.85 -5.49
C GLN A 301 -2.50 7.54 -4.79
N CYS A 302 -3.34 6.75 -5.43
CA CYS A 302 -3.84 5.50 -4.89
CA CYS A 302 -3.80 5.49 -4.88
C CYS A 302 -3.65 4.42 -5.93
N CYS A 303 -3.18 3.24 -5.50
CA CYS A 303 -2.96 2.18 -6.46
C CYS A 303 -4.28 1.76 -7.11
N ILE A 304 -5.40 1.83 -6.38
CA ILE A 304 -6.66 1.34 -6.90
C ILE A 304 -7.47 2.44 -7.55
N ALA A 305 -6.84 3.57 -7.90
CA ALA A 305 -7.54 4.69 -8.54
C ALA A 305 -8.44 4.20 -9.68
N ALA A 306 -9.68 4.68 -9.67
CA ALA A 306 -10.67 4.25 -10.67
C ALA A 306 -10.52 5.11 -11.94
N SER A 307 -9.43 4.84 -12.66
CA SER A 307 -8.91 5.75 -13.67
C SER A 307 -9.44 5.48 -15.07
N ARG A 308 -10.35 4.51 -15.22
CA ARG A 308 -11.09 4.32 -16.46
C ARG A 308 -12.54 4.02 -16.08
N ILE A 309 -13.46 4.94 -16.39
CA ILE A 309 -14.87 4.76 -16.03
C ILE A 309 -15.67 4.63 -17.32
N PHE A 310 -16.12 3.41 -17.60
CA PHE A 310 -16.94 3.11 -18.78
C PHE A 310 -18.42 3.17 -18.41
N VAL A 311 -19.18 4.01 -19.11
CA VAL A 311 -20.57 4.27 -18.76
C VAL A 311 -21.43 3.99 -19.98
N GLU A 312 -22.50 3.23 -19.78
CA GLU A 312 -23.41 2.89 -20.88
C GLU A 312 -23.99 4.15 -21.51
N GLU A 313 -24.09 4.15 -22.84
CA GLU A 313 -24.42 5.37 -23.59
C GLU A 313 -25.68 6.06 -23.09
N SER A 314 -26.73 5.28 -22.80
CA SER A 314 -28.01 5.86 -22.41
C SER A 314 -27.88 6.83 -21.22
N ILE A 315 -26.89 6.62 -20.35
CA ILE A 315 -26.69 7.44 -19.16
C ILE A 315 -25.35 8.17 -19.17
N TYR A 316 -24.60 8.09 -20.27
CA TYR A 316 -23.23 8.61 -20.29
C TYR A 316 -23.20 10.13 -20.04
N ASP A 317 -24.04 10.88 -20.75
CA ASP A 317 -23.98 12.33 -20.61
C ASP A 317 -24.38 12.78 -19.21
N GLU A 318 -25.36 12.11 -18.61
CA GLU A 318 -25.76 12.47 -17.26
C GLU A 318 -24.66 12.15 -16.27
N PHE A 319 -23.98 11.01 -16.47
CA PHE A 319 -22.87 10.63 -15.61
C PHE A 319 -21.75 11.65 -15.69
N VAL A 320 -21.43 12.08 -16.91
CA VAL A 320 -20.36 13.05 -17.11
C VAL A 320 -20.70 14.37 -16.42
N ARG A 321 -21.91 14.87 -16.63
CA ARG A 321 -22.29 16.14 -15.99
C ARG A 321 -22.20 16.05 -14.47
N ARG A 322 -22.79 15.00 -13.90
CA ARG A 322 -22.80 14.86 -12.45
C ARG A 322 -21.39 14.69 -11.90
N SER A 323 -20.50 14.02 -12.65
CA SER A 323 -19.12 13.90 -12.19
C SER A 323 -18.40 15.24 -12.19
N VAL A 324 -18.64 16.06 -13.21
CA VAL A 324 -18.04 17.38 -13.27
C VAL A 324 -18.54 18.25 -12.14
N GLU A 325 -19.87 18.25 -11.91
CA GLU A 325 -20.44 18.98 -10.78
C GLU A 325 -19.71 18.65 -9.48
N ARG A 326 -19.45 17.37 -9.26
CA ARG A 326 -18.82 16.93 -8.01
C ARG A 326 -17.35 17.32 -7.98
N ALA A 327 -16.66 17.22 -9.12
CA ALA A 327 -15.25 17.58 -9.17
C ALA A 327 -15.01 19.07 -8.98
N LYS A 328 -16.02 19.92 -9.24
CA LYS A 328 -15.82 21.35 -9.14
C LYS A 328 -15.98 21.89 -7.71
N LYS A 329 -16.14 21.02 -6.72
CA LYS A 329 -16.49 21.43 -5.36
C LYS A 329 -15.32 21.34 -4.38
N TYR A 330 -14.09 21.31 -4.86
CA TYR A 330 -12.95 21.08 -3.97
C TYR A 330 -12.31 22.39 -3.53
N ILE A 331 -11.72 22.35 -2.35
CA ILE A 331 -10.96 23.45 -1.77
C ILE A 331 -9.52 22.97 -1.64
N LEU A 332 -8.62 23.59 -2.39
CA LEU A 332 -7.20 23.22 -2.31
C LEU A 332 -6.50 24.06 -1.25
N GLY A 333 -5.48 23.46 -0.63
CA GLY A 333 -4.69 24.20 0.33
C GLY A 333 -3.90 23.27 1.23
N ASN A 334 -3.48 23.82 2.36
CA ASN A 334 -2.66 23.06 3.28
C ASN A 334 -3.48 21.93 3.91
N PRO A 335 -3.02 20.69 3.83
CA PRO A 335 -3.87 19.57 4.30
C PRO A 335 -4.14 19.56 5.79
N LEU A 336 -3.51 20.45 6.57
CA LEU A 336 -3.78 20.56 7.99
C LEU A 336 -4.88 21.55 8.34
N THR A 337 -5.28 22.42 7.40
CA THR A 337 -6.31 23.42 7.71
C THR A 337 -7.70 22.82 7.54
N PRO A 338 -8.57 22.90 8.55
CA PRO A 338 -9.91 22.32 8.42
C PRO A 338 -10.63 22.90 7.21
N GLY A 339 -11.49 22.09 6.61
CA GLY A 339 -12.22 22.51 5.43
C GLY A 339 -11.50 22.33 4.12
N VAL A 340 -10.17 22.22 4.15
CA VAL A 340 -9.40 21.92 2.94
C VAL A 340 -9.70 20.50 2.50
N THR A 341 -10.08 20.33 1.23
CA THR A 341 -10.49 19.03 0.71
C THR A 341 -9.58 18.47 -0.39
N GLN A 342 -8.51 19.17 -0.76
CA GLN A 342 -7.51 18.55 -1.61
C GLN A 342 -6.15 19.14 -1.30
N GLY A 343 -5.16 18.28 -1.02
CA GLY A 343 -3.81 18.69 -0.75
C GLY A 343 -2.93 18.61 -1.97
N PRO A 344 -1.62 18.71 -1.78
CA PRO A 344 -0.68 18.68 -2.91
C PRO A 344 -0.33 17.25 -3.32
N GLN A 345 0.30 17.14 -4.49
CA GLN A 345 1.00 15.90 -4.84
C GLN A 345 2.31 15.80 -4.05
N ILE A 346 2.91 14.61 -4.06
CA ILE A 346 3.99 14.35 -3.08
C ILE A 346 5.25 15.16 -3.39
N ASP A 347 5.61 15.30 -4.67
CA ASP A 347 6.90 15.91 -5.00
C ASP A 347 6.93 16.29 -6.48
N LYS A 348 8.09 16.84 -6.89
CA LYS A 348 8.22 17.41 -8.23
C LYS A 348 8.06 16.34 -9.31
N GLU A 349 8.66 15.16 -9.10
CA GLU A 349 8.53 14.09 -10.10
C GLU A 349 7.07 13.74 -10.37
N GLN A 350 6.30 13.47 -9.32
CA GLN A 350 4.89 13.12 -9.54
C GLN A 350 4.13 14.29 -10.14
N TYR A 351 4.43 15.50 -9.67
CA TYR A 351 3.76 16.69 -10.20
C TYR A 351 4.01 16.85 -11.69
N ASP A 352 5.28 16.77 -12.11
CA ASP A 352 5.60 16.86 -13.53
C ASP A 352 4.89 15.77 -14.32
N LYS A 353 4.88 14.54 -13.79
CA LYS A 353 4.27 13.43 -14.50
C LYS A 353 2.78 13.69 -14.76
N ILE A 354 2.08 14.23 -13.75
CA ILE A 354 0.64 14.47 -13.89
C ILE A 354 0.37 15.54 -14.94
N LEU A 355 1.12 16.65 -14.88
CA LEU A 355 0.92 17.72 -15.84
C LEU A 355 1.23 17.25 -17.26
N ASP A 356 2.28 16.46 -17.43
CA ASP A 356 2.61 15.96 -18.76
C ASP A 356 1.50 15.04 -19.29
N LEU A 357 0.90 14.22 -18.43
CA LEU A 357 -0.18 13.36 -18.89
C LEU A 357 -1.44 14.16 -19.18
N ILE A 358 -1.77 15.15 -18.32
CA ILE A 358 -2.89 16.04 -18.62
C ILE A 358 -2.72 16.67 -20.00
N GLU A 359 -1.50 17.08 -20.34
CA GLU A 359 -1.28 17.72 -21.63
C GLU A 359 -1.44 16.73 -22.78
N SER A 360 -1.01 15.49 -22.57
CA SER A 360 -1.22 14.46 -23.59
C SER A 360 -2.72 14.26 -23.84
N GLY A 361 -3.51 14.32 -22.77
CA GLY A 361 -4.96 14.21 -22.94
C GLY A 361 -5.52 15.32 -23.80
N LYS A 362 -5.08 16.56 -23.57
CA LYS A 362 -5.54 17.67 -24.41
C LYS A 362 -5.13 17.46 -25.87
N LYS A 363 -3.85 17.18 -26.09
CA LYS A 363 -3.32 17.04 -27.45
C LYS A 363 -3.96 15.86 -28.17
N GLU A 364 -4.17 14.74 -27.48
CA GLU A 364 -4.71 13.55 -28.14
C GLU A 364 -6.22 13.63 -28.34
N GLY A 365 -6.87 14.72 -27.95
CA GLY A 365 -8.24 14.96 -28.32
C GLY A 365 -9.29 14.60 -27.29
N ALA A 366 -8.91 14.36 -26.03
CA ALA A 366 -9.92 14.23 -24.98
C ALA A 366 -10.65 15.54 -24.79
N LYS A 367 -11.86 15.46 -24.23
CA LYS A 367 -12.65 16.64 -23.92
C LYS A 367 -12.38 17.07 -22.49
N LEU A 368 -11.79 18.24 -22.32
CA LEU A 368 -11.45 18.76 -21.00
C LEU A 368 -12.71 19.37 -20.39
N GLU A 369 -13.26 18.72 -19.37
CA GLU A 369 -14.48 19.24 -18.76
C GLU A 369 -14.20 20.24 -17.65
N CYS A 370 -13.09 20.11 -16.94
CA CYS A 370 -12.72 21.05 -15.87
C CYS A 370 -11.27 20.79 -15.46
N GLY A 371 -10.69 21.77 -14.76
CA GLY A 371 -9.29 21.65 -14.35
C GLY A 371 -8.32 21.75 -15.53
N GLY A 372 -7.25 20.97 -15.46
CA GLY A 372 -6.29 20.87 -16.55
C GLY A 372 -4.97 21.60 -16.37
N GLY A 373 -4.72 22.19 -15.19
CA GLY A 373 -3.49 22.90 -14.95
C GLY A 373 -3.09 22.90 -13.49
N PRO A 374 -1.96 23.53 -13.18
CA PRO A 374 -1.48 23.59 -11.78
C PRO A 374 -2.26 24.64 -10.99
N TRP A 375 -1.87 24.82 -9.73
CA TRP A 375 -2.59 25.71 -8.82
C TRP A 375 -1.65 26.23 -7.75
N GLY A 376 -1.85 27.50 -7.36
CA GLY A 376 -1.14 28.08 -6.24
C GLY A 376 0.25 28.58 -6.58
N ASN A 377 0.87 29.21 -5.59
CA ASN A 377 2.22 29.73 -5.74
C ASN A 377 3.26 28.92 -4.98
N LYS A 378 2.83 27.99 -4.15
CA LYS A 378 3.73 27.06 -3.46
C LYS A 378 3.00 25.73 -3.29
N GLY A 379 3.77 24.66 -3.23
CA GLY A 379 3.18 23.33 -3.11
C GLY A 379 2.92 22.70 -4.47
N TYR A 380 2.93 21.37 -4.51
CA TYR A 380 2.77 20.62 -5.76
C TYR A 380 1.29 20.35 -6.04
N PHE A 381 0.52 21.42 -6.18
CA PHE A 381 -0.92 21.34 -6.37
C PHE A 381 -1.30 21.23 -7.86
N VAL A 382 -2.31 20.41 -8.12
CA VAL A 382 -2.87 20.20 -9.45
C VAL A 382 -4.39 20.34 -9.35
N GLN A 383 -4.99 21.13 -10.23
CA GLN A 383 -6.44 21.25 -10.25
C GLN A 383 -7.06 19.88 -10.49
N PRO A 384 -8.12 19.52 -9.78
CA PRO A 384 -8.85 18.30 -10.14
C PRO A 384 -9.38 18.41 -11.56
N THR A 385 -9.09 17.39 -12.37
CA THR A 385 -9.28 17.45 -13.81
C THR A 385 -10.17 16.30 -14.26
N VAL A 386 -11.16 16.61 -15.10
CA VAL A 386 -12.04 15.58 -15.66
C VAL A 386 -11.91 15.61 -17.18
N PHE A 387 -11.68 14.44 -17.77
CA PHE A 387 -11.66 14.24 -19.22
C PHE A 387 -12.81 13.33 -19.62
N SER A 388 -13.60 13.76 -20.61
CA SER A 388 -14.63 12.95 -21.22
C SER A 388 -14.24 12.59 -22.64
N ASN A 389 -15.04 11.72 -23.27
CA ASN A 389 -14.76 11.23 -24.62
C ASN A 389 -13.34 10.67 -24.74
N VAL A 390 -12.86 10.01 -23.70
CA VAL A 390 -11.55 9.37 -23.75
C VAL A 390 -11.66 8.10 -24.57
N THR A 391 -10.61 7.77 -25.33
CA THR A 391 -10.57 6.55 -26.11
C THR A 391 -9.38 5.71 -25.68
N ASP A 392 -9.44 4.43 -26.03
CA ASP A 392 -8.58 3.44 -25.36
C ASP A 392 -7.11 3.56 -25.73
N GLU A 393 -6.79 4.27 -26.80
CA GLU A 393 -5.41 4.44 -27.24
C GLU A 393 -4.73 5.66 -26.61
N MET A 394 -5.46 6.55 -25.95
CA MET A 394 -4.83 7.73 -25.40
C MET A 394 -3.96 7.38 -24.20
N ARG A 395 -2.93 8.21 -23.99
CA ARG A 395 -2.04 8.00 -22.85
C ARG A 395 -2.79 8.02 -21.53
N ILE A 396 -3.76 8.93 -21.38
CA ILE A 396 -4.50 8.96 -20.10
C ILE A 396 -5.43 7.76 -19.94
N ALA A 397 -5.69 7.01 -21.01
CA ALA A 397 -6.37 5.73 -20.90
C ALA A 397 -5.45 4.58 -20.57
N LYS A 398 -4.16 4.69 -20.88
CA LYS A 398 -3.25 3.55 -20.76
C LYS A 398 -2.32 3.63 -19.55
N GLU A 399 -1.82 4.81 -19.22
CA GLU A 399 -0.78 4.96 -18.21
C GLU A 399 -1.37 5.37 -16.87
N GLU A 400 -0.87 4.76 -15.80
CA GLU A 400 -1.28 5.19 -14.47
C GLU A 400 -0.83 6.63 -14.23
N ILE A 401 -1.77 7.50 -13.88
CA ILE A 401 -1.44 8.92 -13.76
C ILE A 401 -0.95 9.28 -12.35
N PHE A 402 -1.61 8.73 -11.33
CA PHE A 402 -1.33 9.04 -9.92
C PHE A 402 -1.55 10.52 -9.61
N GLY A 403 -2.56 11.11 -10.25
CA GLY A 403 -2.98 12.47 -9.97
C GLY A 403 -4.48 12.59 -10.00
N PRO A 404 -5.01 13.77 -9.67
CA PRO A 404 -6.47 13.98 -9.67
C PRO A 404 -6.99 14.20 -11.08
N VAL A 405 -7.02 13.12 -11.86
CA VAL A 405 -7.35 13.19 -13.29
C VAL A 405 -8.29 12.04 -13.60
N GLN A 406 -9.54 12.36 -13.93
CA GLN A 406 -10.58 11.35 -14.12
C GLN A 406 -10.85 11.16 -15.61
N GLN A 407 -10.95 9.90 -16.04
CA GLN A 407 -11.24 9.52 -17.42
C GLN A 407 -12.63 8.91 -17.49
N ILE A 408 -13.48 9.41 -18.39
CA ILE A 408 -14.83 8.88 -18.56
C ILE A 408 -15.04 8.52 -20.04
N MET A 409 -15.45 7.28 -20.28
CA MET A 409 -15.63 6.67 -21.59
C MET A 409 -17.05 6.15 -21.71
N LYS A 410 -17.53 6.03 -22.94
CA LYS A 410 -18.84 5.44 -23.18
C LYS A 410 -18.69 4.07 -23.82
N PHE A 411 -19.72 3.24 -23.65
CA PHE A 411 -19.86 1.95 -24.31
C PHE A 411 -21.33 1.67 -24.56
N LYS A 412 -21.60 0.74 -25.48
CA LYS A 412 -22.96 0.21 -25.64
C LYS A 412 -22.96 -1.33 -25.65
N SER A 413 -21.88 -1.96 -26.09
CA SER A 413 -21.79 -3.40 -26.09
CA SER A 413 -21.76 -3.41 -26.10
C SER A 413 -21.13 -3.87 -24.79
N LEU A 414 -21.89 -4.63 -23.99
CA LEU A 414 -21.33 -5.15 -22.74
C LEU A 414 -20.16 -6.10 -23.00
N ASP A 415 -20.31 -7.00 -23.98
CA ASP A 415 -19.20 -7.86 -24.38
C ASP A 415 -17.95 -7.05 -24.67
N ASP A 416 -18.11 -5.97 -25.45
CA ASP A 416 -16.95 -5.18 -25.87
C ASP A 416 -16.32 -4.46 -24.69
N VAL A 417 -17.12 -3.89 -23.79
CA VAL A 417 -16.56 -3.10 -22.69
C VAL A 417 -15.79 -3.99 -21.70
N ILE A 418 -16.19 -5.25 -21.55
CA ILE A 418 -15.41 -6.17 -20.70
C ILE A 418 -14.05 -6.43 -21.33
N LYS A 419 -14.00 -6.65 -22.65
CA LYS A 419 -12.72 -6.78 -23.32
C LYS A 419 -11.88 -5.51 -23.17
N ARG A 420 -12.52 -4.34 -23.31
CA ARG A 420 -11.78 -3.09 -23.12
C ARG A 420 -11.30 -2.94 -21.69
N ALA A 421 -12.13 -3.34 -20.72
CA ALA A 421 -11.72 -3.25 -19.33
C ALA A 421 -10.51 -4.15 -19.06
N ASN A 422 -10.49 -5.31 -19.71
CA ASN A 422 -9.42 -6.28 -19.50
C ASN A 422 -8.20 -6.01 -20.38
N ASN A 423 -8.29 -5.09 -21.35
CA ASN A 423 -7.22 -4.87 -22.31
C ASN A 423 -6.16 -3.93 -21.72
N THR A 424 -5.44 -4.46 -20.73
CA THR A 424 -4.40 -3.71 -20.03
C THR A 424 -3.45 -4.73 -19.42
N PHE A 425 -2.19 -4.34 -19.26
CA PHE A 425 -1.29 -5.19 -18.49
C PHE A 425 -1.51 -5.07 -16.99
N TYR A 426 -2.26 -4.06 -16.53
CA TYR A 426 -2.57 -3.92 -15.12
C TYR A 426 -3.70 -4.87 -14.75
N GLY A 427 -4.06 -4.90 -13.48
CA GLY A 427 -5.11 -5.78 -13.02
C GLY A 427 -5.34 -5.75 -11.53
N LEU A 428 -5.23 -4.56 -10.93
CA LEU A 428 -5.31 -4.48 -9.47
C LEU A 428 -6.75 -4.55 -8.97
N SER A 429 -7.67 -3.79 -9.58
CA SER A 429 -9.02 -3.73 -9.04
C SER A 429 -9.97 -3.32 -10.15
N ALA A 430 -11.28 -3.42 -9.88
CA ALA A 430 -12.30 -2.95 -10.81
C ALA A 430 -13.59 -2.69 -10.04
N GLY A 431 -14.50 -1.95 -10.69
CA GLY A 431 -15.82 -1.71 -10.13
C GLY A 431 -16.91 -2.02 -11.13
N VAL A 432 -18.01 -2.58 -10.63
CA VAL A 432 -19.19 -2.89 -11.44
C VAL A 432 -20.41 -2.29 -10.78
N PHE A 433 -21.19 -1.51 -11.53
CA PHE A 433 -22.37 -0.83 -11.01
C PHE A 433 -23.59 -1.27 -11.81
N THR A 434 -24.47 -2.03 -11.15
CA THR A 434 -25.67 -2.56 -11.78
C THR A 434 -26.60 -3.03 -10.67
N LYS A 435 -27.90 -3.07 -10.97
CA LYS A 435 -28.87 -3.65 -10.07
C LYS A 435 -29.22 -5.10 -10.41
N ASP A 436 -28.63 -5.65 -11.47
CA ASP A 436 -28.95 -6.99 -11.95
C ASP A 436 -28.06 -8.03 -11.29
N ILE A 437 -28.67 -9.02 -10.62
CA ILE A 437 -27.90 -10.04 -9.92
C ILE A 437 -26.97 -10.77 -10.86
N ASP A 438 -27.51 -11.21 -12.01
CA ASP A 438 -26.70 -12.04 -12.91
C ASP A 438 -25.54 -11.26 -13.47
N LYS A 439 -25.78 -10.02 -13.91
CA LYS A 439 -24.72 -9.18 -14.43
C LYS A 439 -23.63 -8.97 -13.37
N ALA A 440 -24.02 -8.71 -12.13
CA ALA A 440 -23.02 -8.46 -11.08
C ALA A 440 -22.11 -9.66 -10.89
N ILE A 441 -22.66 -10.87 -10.90
CA ILE A 441 -21.83 -12.04 -10.67
C ILE A 441 -20.99 -12.35 -11.91
N THR A 442 -21.61 -12.34 -13.10
CA THR A 442 -20.88 -12.75 -14.31
C THR A 442 -19.83 -11.71 -14.71
N ILE A 443 -20.13 -10.42 -14.57
CA ILE A 443 -19.13 -9.41 -14.92
C ILE A 443 -17.96 -9.47 -13.94
N SER A 444 -18.24 -9.56 -12.65
CA SER A 444 -17.13 -9.63 -11.70
C SER A 444 -16.29 -10.89 -11.90
N SER A 445 -16.91 -12.00 -12.28
CA SER A 445 -16.12 -13.19 -12.59
C SER A 445 -15.24 -12.99 -13.82
N ALA A 446 -15.69 -12.17 -14.77
CA ALA A 446 -14.99 -12.02 -16.05
C ALA A 446 -13.87 -11.00 -16.00
N LEU A 447 -13.89 -10.08 -15.04
CA LEU A 447 -12.85 -9.05 -14.97
C LEU A 447 -11.56 -9.64 -14.40
N GLN A 448 -10.44 -9.33 -15.06
CA GLN A 448 -9.13 -9.81 -14.63
C GLN A 448 -8.53 -8.81 -13.65
N ALA A 449 -9.06 -8.83 -12.42
CA ALA A 449 -8.67 -7.87 -11.40
C ALA A 449 -8.73 -8.52 -10.01
N GLY A 450 -7.80 -8.10 -9.14
CA GLY A 450 -7.65 -8.76 -7.85
C GLY A 450 -8.79 -8.47 -6.88
N THR A 451 -9.32 -7.25 -6.89
CA THR A 451 -10.52 -6.94 -6.15
C THR A 451 -11.54 -6.33 -7.10
N VAL A 452 -12.77 -6.84 -7.07
CA VAL A 452 -13.87 -6.28 -7.83
C VAL A 452 -14.93 -5.81 -6.84
N TRP A 453 -15.24 -4.51 -6.88
CA TRP A 453 -16.31 -3.95 -6.06
C TRP A 453 -17.60 -3.90 -6.87
N VAL A 454 -18.72 -4.22 -6.23
CA VAL A 454 -20.03 -4.15 -6.88
C VAL A 454 -20.86 -3.09 -6.17
N ASN A 455 -21.26 -2.06 -6.92
CA ASN A 455 -22.02 -0.91 -6.42
C ASN A 455 -21.30 -0.16 -5.31
N CYS A 456 -19.97 -0.26 -5.27
CA CYS A 456 -19.15 0.54 -4.37
C CYS A 456 -17.75 0.60 -4.99
N TYR A 457 -16.80 1.19 -4.26
CA TYR A 457 -15.44 1.26 -4.76
C TYR A 457 -14.51 1.62 -3.61
N GLY A 458 -13.29 1.08 -3.67
CA GLY A 458 -12.29 1.47 -2.70
C GLY A 458 -12.53 0.94 -1.30
N VAL A 459 -13.28 -0.15 -1.17
CA VAL A 459 -13.60 -0.71 0.14
C VAL A 459 -12.54 -1.75 0.45
N VAL A 460 -11.65 -1.42 1.38
CA VAL A 460 -10.52 -2.28 1.69
C VAL A 460 -10.50 -2.47 3.20
N SER A 461 -10.43 -3.72 3.63
CA SER A 461 -10.47 -4.03 5.05
C SER A 461 -9.46 -5.12 5.33
N ALA A 462 -9.00 -5.17 6.58
CA ALA A 462 -7.97 -6.12 6.98
C ALA A 462 -8.39 -7.58 6.77
N GLN A 463 -9.69 -7.86 6.68
CA GLN A 463 -10.13 -9.24 6.53
C GLN A 463 -10.06 -9.74 5.10
N CYS A 464 -9.77 -8.86 4.13
CA CYS A 464 -9.83 -9.21 2.71
C CYS A 464 -8.44 -9.29 2.11
N PRO A 465 -8.11 -10.38 1.42
CA PRO A 465 -6.85 -10.39 0.68
C PRO A 465 -6.86 -9.34 -0.41
N PHE A 466 -5.69 -8.75 -0.65
CA PHE A 466 -5.55 -7.62 -1.57
C PHE A 466 -4.30 -7.80 -2.42
N GLY A 467 -4.47 -7.71 -3.73
CA GLY A 467 -3.34 -7.80 -4.63
C GLY A 467 -3.80 -7.87 -6.07
N GLY A 468 -2.82 -7.81 -6.97
CA GLY A 468 -3.07 -7.67 -8.38
C GLY A 468 -3.04 -8.96 -9.19
N PHE A 469 -3.84 -8.94 -10.26
CA PHE A 469 -3.65 -9.80 -11.41
C PHE A 469 -2.56 -9.19 -12.29
N LYS A 470 -1.94 -10.03 -13.12
CA LYS A 470 -1.08 -9.56 -14.23
C LYS A 470 0.04 -8.67 -13.68
N MET A 471 0.38 -7.58 -14.38
CA MET A 471 1.52 -6.74 -14.01
C MET A 471 1.19 -5.75 -12.90
N SER A 472 0.02 -5.85 -12.28
CA SER A 472 -0.22 -5.11 -11.04
C SER A 472 0.37 -5.80 -9.83
N GLY A 473 0.99 -6.96 -10.00
CA GLY A 473 1.79 -7.57 -8.95
C GLY A 473 1.49 -9.03 -8.75
N ASN A 474 2.15 -9.61 -7.75
CA ASN A 474 1.98 -11.02 -7.44
C ASN A 474 1.80 -11.17 -5.94
N GLY A 475 1.08 -12.21 -5.56
CA GLY A 475 0.81 -12.48 -4.16
C GLY A 475 -0.34 -11.64 -3.63
N ARG A 476 -0.73 -11.93 -2.38
CA ARG A 476 -1.82 -11.24 -1.73
C ARG A 476 -1.39 -10.77 -0.34
N GLU A 477 -1.94 -9.62 0.06
CA GLU A 477 -1.70 -9.04 1.37
C GLU A 477 -2.99 -9.03 2.18
N LEU A 478 -2.86 -9.36 3.46
CA LEU A 478 -3.94 -9.30 4.43
C LEU A 478 -4.95 -10.43 4.22
N GLY A 479 -5.98 -10.47 5.05
CA GLY A 479 -6.89 -11.59 5.06
C GLY A 479 -6.18 -12.86 5.47
N GLU A 480 -6.94 -13.95 5.54
CA GLU A 480 -6.33 -15.25 5.82
C GLU A 480 -5.31 -15.61 4.74
N TYR A 481 -5.61 -15.32 3.47
CA TYR A 481 -4.77 -15.77 2.39
C TYR A 481 -3.42 -15.06 2.37
N GLY A 482 -3.40 -13.80 2.77
CA GLY A 482 -2.16 -13.04 2.75
C GLY A 482 -1.10 -13.62 3.65
N PHE A 483 -1.50 -14.26 4.74
CA PHE A 483 -0.52 -14.77 5.68
C PHE A 483 0.31 -15.90 5.08
N HIS A 484 -0.20 -16.57 4.03
CA HIS A 484 0.58 -17.64 3.41
C HIS A 484 1.92 -17.12 2.91
N GLU A 485 1.97 -15.88 2.40
CA GLU A 485 3.20 -15.40 1.79
C GLU A 485 4.26 -15.03 2.81
N TYR A 486 3.93 -15.08 4.10
CA TYR A 486 4.92 -14.84 5.15
C TYR A 486 5.24 -16.11 5.91
N THR A 487 4.93 -17.28 5.34
CA THR A 487 5.33 -18.54 5.93
C THR A 487 6.07 -19.42 4.92
N GLU A 488 6.89 -20.30 5.46
CA GLU A 488 7.64 -21.29 4.70
C GLU A 488 7.22 -22.65 5.23
N VAL A 489 6.69 -23.49 4.34
CA VAL A 489 6.12 -24.77 4.76
C VAL A 489 7.20 -25.84 4.81
N LYS A 490 7.29 -26.53 5.94
CA LYS A 490 8.21 -27.66 6.12
C LYS A 490 7.39 -28.91 6.35
N THR A 491 7.67 -29.95 5.56
CA THR A 491 7.04 -31.25 5.73
C THR A 491 7.98 -32.13 6.54
N VAL A 492 7.47 -32.72 7.63
CA VAL A 492 8.24 -33.64 8.46
C VAL A 492 7.56 -35.01 8.37
N THR A 493 8.30 -36.03 7.91
CA THR A 493 7.74 -37.35 7.69
C THR A 493 8.53 -38.36 8.50
N VAL A 494 7.86 -39.05 9.41
CA VAL A 494 8.49 -39.89 10.43
C VAL A 494 8.12 -41.34 10.17
N LYS A 495 9.12 -42.20 10.05
CA LYS A 495 8.87 -43.63 9.90
C LYS A 495 8.26 -44.18 11.18
N ILE A 496 7.17 -44.93 11.05
CA ILE A 496 6.54 -45.60 12.18
C ILE A 496 6.31 -47.07 11.83
N SER A 497 6.15 -47.89 12.89
CA SER A 497 5.98 -49.33 12.67
C SER A 497 4.66 -49.63 11.95
N GLN A 498 3.56 -49.00 12.36
CA GLN A 498 2.27 -49.19 11.72
CA GLN A 498 2.31 -49.13 11.63
C GLN A 498 1.42 -47.96 11.96
N LYS A 499 0.81 -47.41 10.91
CA LYS A 499 -0.11 -46.30 11.03
C LYS A 499 -1.52 -46.82 11.16
N ASN A 500 -2.37 -46.01 11.80
CA ASN A 500 -3.81 -46.23 11.87
C ASN A 500 -4.52 -44.91 11.54
N SER A 501 -5.64 -45.01 10.83
CA SER A 501 -6.37 -43.82 10.42
C SER A 501 -6.83 -43.00 11.63
#